data_6ECR
#
_entry.id   6ECR
#
_cell.length_a   67.889
_cell.length_b   136.419
_cell.length_c   61.579
_cell.angle_alpha   90.00
_cell.angle_beta   90.00
_cell.angle_gamma   90.00
#
_symmetry.space_group_name_H-M   'P 21 21 21'
#
loop_
_entity.id
_entity.type
_entity.pdbx_description
1 polymer 'methylenetetrahydrofolate dehydrogenase cyclohydrolase'
2 non-polymer 'NADP NICOTINAMIDE-ADENINE-DINUCLEOTIDE PHOSPHATE'
3 non-polymer 'ACETATE ION'
4 water water
#
_entity_poly.entity_id   1
_entity_poly.type   'polypeptide(L)'
_entity_poly.pdbx_seq_one_letter_code
;MAPAEILNGKEISAQIRARLKNQVTQLKEQVPGFTPRLAILQVGNRDDSNLYINVKLKAAEEIGIKATHIKLPRTTTESE
VMKYITSLNEDSTVHGFLVQLPLDSENSINTEEVINAIAPEKDVDGLTSINAGRLARGDLNDCFIPCTPKGCLELIKETG
VPIAGRHAVVVGRSKIVGAPMHDLLLWNNATVTTCHSKTAHLDEEVNKGDILVVATGQPEMVKGEWIKPGAIVIDCGINY
VPDDKKPNGRKVVGDVAYDEAKERASFITPVPGGVGPMTVAMLMQSTVESAKRFLE
;
_entity_poly.pdbx_strand_id   A,B
#
# COMPACT_ATOMS: atom_id res chain seq x y z
N ALA A 2 20.41 26.74 -21.21
CA ALA A 2 19.92 27.02 -19.83
C ALA A 2 18.68 26.19 -19.40
N PRO A 3 17.56 26.20 -20.17
CA PRO A 3 16.34 25.54 -19.66
C PRO A 3 16.32 23.98 -19.79
N ALA A 4 15.52 23.36 -18.91
CA ALA A 4 15.20 21.94 -18.88
C ALA A 4 14.64 21.51 -20.23
N GLU A 5 15.01 20.33 -20.67
CA GLU A 5 14.30 19.65 -21.74
C GLU A 5 12.83 19.48 -21.34
N ILE A 6 11.94 19.73 -22.29
CA ILE A 6 10.49 19.75 -22.05
C ILE A 6 9.99 18.36 -22.44
N LEU A 7 9.37 17.65 -21.49
CA LEU A 7 8.76 16.35 -21.75
C LEU A 7 7.39 16.64 -22.30
N ASN A 8 7.25 16.46 -23.61
CA ASN A 8 6.06 16.86 -24.32
C ASN A 8 5.02 15.73 -24.27
N GLY A 9 4.15 15.73 -23.26
CA GLY A 9 3.13 14.69 -23.11
C GLY A 9 2.14 14.57 -24.24
N LYS A 10 1.83 15.69 -24.89
CA LYS A 10 1.02 15.69 -26.09
C LYS A 10 1.61 14.82 -27.23
N GLU A 11 2.88 14.95 -27.51
CA GLU A 11 3.50 14.17 -28.58
C GLU A 11 3.69 12.72 -28.18
N ILE A 12 4.14 12.51 -26.95
CA ILE A 12 4.40 11.17 -26.47
C ILE A 12 3.06 10.38 -26.46
N SER A 13 2.01 11.01 -25.97
CA SER A 13 0.71 10.36 -25.90
C SER A 13 0.19 10.05 -27.26
N ALA A 14 0.42 10.95 -28.22
CA ALA A 14 0.08 10.69 -29.62
C ALA A 14 0.79 9.47 -30.16
N GLN A 15 2.08 9.30 -29.94
CA GLN A 15 2.76 8.04 -30.32
C GLN A 15 2.14 6.79 -29.64
N ILE A 16 1.76 6.92 -28.38
CA ILE A 16 1.15 5.79 -27.67
C ILE A 16 -0.21 5.43 -28.27
N ARG A 17 -1.03 6.44 -28.50
CA ARG A 17 -2.32 6.21 -29.09
C ARG A 17 -2.22 5.64 -30.51
N ALA A 18 -1.24 6.03 -31.31
CA ALA A 18 -1.03 5.44 -32.66
C ALA A 18 -0.65 3.95 -32.58
N ARG A 19 0.20 3.61 -31.62
CA ARG A 19 0.56 2.19 -31.41
C ARG A 19 -0.67 1.36 -30.95
N LEU A 20 -1.44 1.92 -30.00
CA LEU A 20 -2.62 1.24 -29.51
C LEU A 20 -3.63 1.02 -30.63
N LYS A 21 -3.80 2.03 -31.47
CA LYS A 21 -4.66 1.90 -32.64
C LYS A 21 -4.29 0.71 -33.52
N ASN A 22 -3.02 0.62 -33.85
CA ASN A 22 -2.54 -0.49 -34.69
C ASN A 22 -2.71 -1.81 -33.99
N GLN A 23 -2.47 -1.86 -32.68
CA GLN A 23 -2.74 -3.07 -31.92
C GLN A 23 -4.21 -3.44 -32.00
N VAL A 24 -5.09 -2.44 -31.87
CA VAL A 24 -6.51 -2.73 -31.89
C VAL A 24 -6.96 -3.20 -33.29
N THR A 25 -6.45 -2.58 -34.34
CA THR A 25 -6.71 -3.00 -35.74
C THR A 25 -6.27 -4.44 -35.95
N GLN A 26 -5.13 -4.81 -35.39
CA GLN A 26 -4.62 -6.18 -35.49
C GLN A 26 -5.46 -7.20 -34.73
N LEU A 27 -5.90 -6.87 -33.50
CA LEU A 27 -6.84 -7.75 -32.78
C LEU A 27 -8.12 -8.03 -33.58
N LYS A 28 -8.66 -6.98 -34.17
CA LYS A 28 -9.86 -7.10 -34.97
C LYS A 28 -9.67 -7.93 -36.23
N GLU A 29 -8.49 -7.91 -36.84
CA GLU A 29 -8.19 -8.77 -38.00
C GLU A 29 -7.95 -10.22 -37.59
N GLN A 30 -7.34 -10.46 -36.42
CA GLN A 30 -7.24 -11.80 -35.86
C GLN A 30 -8.60 -12.42 -35.48
N VAL A 31 -9.50 -11.61 -34.92
CA VAL A 31 -10.80 -12.05 -34.43
C VAL A 31 -11.94 -11.12 -34.93
N PRO A 32 -12.36 -11.27 -36.20
CA PRO A 32 -13.27 -10.22 -36.69
C PRO A 32 -14.61 -10.20 -35.93
N GLY A 33 -15.09 -8.96 -35.69
CA GLY A 33 -16.24 -8.73 -34.85
C GLY A 33 -15.97 -8.57 -33.36
N PHE A 34 -14.80 -9.02 -32.88
CA PHE A 34 -14.39 -8.64 -31.52
C PHE A 34 -14.12 -7.13 -31.48
N THR A 35 -14.68 -6.48 -30.47
CA THR A 35 -14.54 -5.04 -30.25
C THR A 35 -14.15 -4.77 -28.76
N PRO A 36 -12.89 -4.35 -28.53
CA PRO A 36 -12.58 -3.95 -27.16
C PRO A 36 -13.56 -2.89 -26.70
N ARG A 37 -13.98 -2.96 -25.47
CA ARG A 37 -15.02 -2.08 -25.00
C ARG A 37 -14.74 -1.56 -23.58
N LEU A 38 -14.86 -0.23 -23.44
CA LEU A 38 -14.77 0.51 -22.19
C LEU A 38 -16.10 1.16 -21.87
N ALA A 39 -16.49 1.18 -20.58
CA ALA A 39 -17.63 1.98 -20.13
C ALA A 39 -17.20 2.98 -19.05
N ILE A 40 -17.82 4.16 -19.05
CA ILE A 40 -17.56 5.16 -18.03
C ILE A 40 -18.89 5.53 -17.38
N LEU A 41 -18.95 5.33 -16.07
CA LEU A 41 -20.15 5.60 -15.32
C LEU A 41 -19.94 6.92 -14.58
N GLN A 42 -20.83 7.87 -14.80
CA GLN A 42 -20.78 9.17 -14.19
C GLN A 42 -21.98 9.37 -13.26
N VAL A 43 -21.78 10.04 -12.13
CA VAL A 43 -22.90 10.45 -11.28
C VAL A 43 -22.95 11.97 -11.22
N GLY A 44 -24.10 12.52 -11.63
CA GLY A 44 -24.30 13.96 -11.67
C GLY A 44 -23.87 14.55 -13.00
N ASN A 45 -23.50 15.82 -12.97
CA ASN A 45 -23.35 16.58 -14.20
C ASN A 45 -22.32 17.70 -14.07
N ARG A 46 -21.19 17.43 -13.46
CA ARG A 46 -20.18 18.47 -13.32
C ARG A 46 -19.61 18.82 -14.71
N ASP A 47 -19.39 20.13 -14.94
CA ASP A 47 -18.77 20.61 -16.16
C ASP A 47 -17.40 20.00 -16.42
N ASP A 48 -16.52 19.98 -15.43
CA ASP A 48 -15.14 19.45 -15.62
C ASP A 48 -15.19 17.96 -15.93
N SER A 49 -16.00 17.19 -15.22
CA SER A 49 -16.14 15.75 -15.46
C SER A 49 -16.65 15.51 -16.90
N ASN A 50 -17.63 16.31 -17.35
CA ASN A 50 -18.14 16.19 -18.73
C ASN A 50 -17.01 16.38 -19.79
N LEU A 51 -16.14 17.34 -19.53
CA LEU A 51 -15.01 17.63 -20.40
C LEU A 51 -14.03 16.47 -20.40
N TYR A 52 -13.67 15.96 -19.22
CA TYR A 52 -12.69 14.87 -19.14
C TYR A 52 -13.21 13.61 -19.82
N ILE A 53 -14.48 13.32 -19.64
CA ILE A 53 -15.09 12.13 -20.20
C ILE A 53 -15.08 12.28 -21.71
N ASN A 54 -15.40 13.46 -22.23
CA ASN A 54 -15.38 13.65 -23.68
C ASN A 54 -13.97 13.38 -24.27
N VAL A 55 -12.94 13.84 -23.58
CA VAL A 55 -11.55 13.58 -24.00
C VAL A 55 -11.27 12.06 -24.04
N LYS A 56 -11.72 11.34 -23.03
CA LYS A 56 -11.58 9.90 -22.98
C LYS A 56 -12.35 9.19 -24.08
N LEU A 57 -13.60 9.58 -24.32
CA LEU A 57 -14.41 9.01 -25.42
C LEU A 57 -13.75 9.26 -26.78
N LYS A 58 -13.27 10.47 -27.01
CA LYS A 58 -12.59 10.80 -28.25
C LYS A 58 -11.28 9.94 -28.49
N ALA A 59 -10.44 9.78 -27.47
CA ALA A 59 -9.25 8.94 -27.58
C ALA A 59 -9.63 7.49 -27.87
N ALA A 60 -10.65 7.01 -27.20
CA ALA A 60 -11.11 5.64 -27.38
C ALA A 60 -11.55 5.39 -28.83
N GLU A 61 -12.44 6.25 -29.33
CA GLU A 61 -12.95 6.10 -30.72
C GLU A 61 -11.81 6.20 -31.75
N GLU A 62 -10.82 7.05 -31.53
CA GLU A 62 -9.65 7.13 -32.41
CA GLU A 62 -9.64 7.12 -32.41
C GLU A 62 -8.83 5.82 -32.44
N ILE A 63 -8.78 5.12 -31.31
CA ILE A 63 -8.00 3.88 -31.21
C ILE A 63 -8.80 2.70 -31.74
N GLY A 64 -10.12 2.84 -31.85
CA GLY A 64 -11.00 1.74 -32.31
C GLY A 64 -11.62 0.95 -31.14
N ILE A 65 -11.51 1.51 -29.94
CA ILE A 65 -12.18 1.00 -28.76
C ILE A 65 -13.62 1.53 -28.78
N LYS A 66 -14.60 0.66 -28.61
CA LYS A 66 -15.96 1.11 -28.29
C LYS A 66 -16.10 1.62 -26.86
N ALA A 67 -16.56 2.84 -26.74
CA ALA A 67 -16.71 3.54 -25.45
C ALA A 67 -18.17 3.91 -25.18
N THR A 68 -18.69 3.51 -24.03
CA THR A 68 -20.04 3.80 -23.58
C THR A 68 -19.96 4.75 -22.38
N HIS A 69 -20.75 5.82 -22.41
CA HIS A 69 -20.92 6.76 -21.31
C HIS A 69 -22.31 6.65 -20.72
N ILE A 70 -22.39 6.23 -19.46
CA ILE A 70 -23.63 6.23 -18.69
C ILE A 70 -23.57 7.38 -17.70
N LYS A 71 -24.59 8.25 -17.77
CA LYS A 71 -24.70 9.42 -16.92
C LYS A 71 -25.94 9.34 -16.02
N LEU A 72 -25.72 9.19 -14.72
CA LEU A 72 -26.80 9.13 -13.72
C LEU A 72 -27.10 10.50 -13.11
N PRO A 73 -28.36 10.76 -12.75
CA PRO A 73 -28.72 12.10 -12.21
C PRO A 73 -28.20 12.33 -10.76
N ARG A 74 -28.23 13.59 -10.34
CA ARG A 74 -27.80 13.98 -8.97
C ARG A 74 -28.62 13.37 -7.85
N THR A 75 -29.85 12.90 -8.17
CA THR A 75 -30.69 12.22 -7.20
C THR A 75 -30.22 10.79 -6.94
N THR A 76 -29.21 10.28 -7.65
CA THR A 76 -28.81 8.87 -7.51
C THR A 76 -28.36 8.54 -6.07
N THR A 77 -28.76 7.35 -5.60
CA THR A 77 -28.34 6.83 -4.35
C THR A 77 -27.21 5.81 -4.59
N GLU A 78 -26.52 5.52 -3.50
CA GLU A 78 -25.49 4.50 -3.48
C GLU A 78 -26.02 3.18 -4.06
N SER A 79 -27.20 2.78 -3.59
CA SER A 79 -27.75 1.52 -4.04
C SER A 79 -28.03 1.51 -5.54
N GLU A 80 -28.43 2.63 -6.13
CA GLU A 80 -28.57 2.66 -7.61
C GLU A 80 -27.23 2.57 -8.34
N VAL A 81 -26.19 3.25 -7.82
CA VAL A 81 -24.88 3.12 -8.42
C VAL A 81 -24.44 1.66 -8.37
N MET A 82 -24.61 0.99 -7.23
CA MET A 82 -24.28 -0.45 -7.09
C MET A 82 -24.94 -1.34 -8.11
N LYS A 83 -26.18 -1.06 -8.48
CA LYS A 83 -26.85 -1.88 -9.50
C LYS A 83 -26.19 -1.72 -10.87
N TYR A 84 -25.86 -0.50 -11.24
CA TYR A 84 -25.10 -0.33 -12.50
C TYR A 84 -23.76 -1.02 -12.50
N ILE A 85 -23.05 -0.99 -11.37
CA ILE A 85 -21.70 -1.57 -11.30
C ILE A 85 -21.80 -3.06 -11.45
N THR A 86 -22.80 -3.63 -10.78
CA THR A 86 -23.10 -5.07 -10.90
C THR A 86 -23.42 -5.39 -12.37
N SER A 87 -24.21 -4.56 -13.03
CA SER A 87 -24.54 -4.79 -14.43
C SER A 87 -23.30 -4.72 -15.32
N LEU A 88 -22.43 -3.73 -15.08
CA LEU A 88 -21.19 -3.66 -15.86
C LEU A 88 -20.29 -4.85 -15.59
N ASN A 89 -20.22 -5.29 -14.34
CA ASN A 89 -19.42 -6.49 -14.01
C ASN A 89 -19.86 -7.69 -14.81
N GLU A 90 -21.17 -7.83 -14.95
CA GLU A 90 -21.77 -9.03 -15.53
C GLU A 90 -21.89 -8.97 -17.04
N ASP A 91 -21.83 -7.78 -17.62
CA ASP A 91 -21.88 -7.63 -19.07
C ASP A 91 -20.57 -8.07 -19.74
N SER A 92 -20.57 -9.25 -20.31
CA SER A 92 -19.36 -9.83 -20.92
C SER A 92 -18.90 -9.08 -22.17
N THR A 93 -19.71 -8.20 -22.74
CA THR A 93 -19.20 -7.33 -23.80
C THR A 93 -18.30 -6.18 -23.30
N VAL A 94 -18.31 -5.88 -21.98
CA VAL A 94 -17.52 -4.78 -21.36
C VAL A 94 -16.28 -5.34 -20.76
N HIS A 95 -15.14 -4.94 -21.29
CA HIS A 95 -13.83 -5.47 -20.86
C HIS A 95 -13.24 -4.65 -19.72
N GLY A 96 -13.47 -3.34 -19.73
CA GLY A 96 -13.05 -2.46 -18.65
C GLY A 96 -14.03 -1.36 -18.38
N PHE A 97 -14.18 -0.97 -17.13
CA PHE A 97 -14.98 0.23 -16.85
C PHE A 97 -14.44 1.00 -15.66
N LEU A 98 -14.89 2.23 -15.55
CA LEU A 98 -14.52 3.08 -14.44
C LEU A 98 -15.66 3.95 -14.01
N VAL A 99 -15.53 4.47 -12.80
CA VAL A 99 -16.44 5.40 -12.24
C VAL A 99 -15.71 6.71 -12.21
N GLN A 100 -16.26 7.73 -12.87
CA GLN A 100 -15.66 9.04 -12.88
C GLN A 100 -15.82 9.71 -11.50
N LEU A 101 -14.73 10.28 -11.02
CA LEU A 101 -14.68 10.89 -9.70
C LEU A 101 -14.41 12.40 -9.79
N PRO A 102 -14.95 13.21 -8.89
CA PRO A 102 -15.79 12.80 -7.75
C PRO A 102 -17.24 12.63 -8.16
N LEU A 103 -17.95 11.78 -7.44
CA LEU A 103 -19.39 11.59 -7.63
C LEU A 103 -20.12 12.90 -7.28
N ASP A 104 -21.11 13.26 -8.08
CA ASP A 104 -21.91 14.49 -7.87
C ASP A 104 -23.38 14.11 -7.59
N SER A 105 -23.68 13.92 -6.31
CA SER A 105 -25.01 13.48 -5.86
C SER A 105 -25.43 14.33 -4.67
N GLU A 106 -26.74 14.41 -4.46
CA GLU A 106 -27.29 15.09 -3.32
C GLU A 106 -27.29 14.18 -2.09
N ASN A 107 -27.18 12.87 -2.33
CA ASN A 107 -27.10 11.89 -1.26
C ASN A 107 -25.64 11.54 -0.95
N SER A 108 -25.39 11.08 0.28
CA SER A 108 -24.08 10.56 0.67
C SER A 108 -23.87 9.23 0.01
N ILE A 109 -22.75 9.10 -0.69
CA ILE A 109 -22.40 7.86 -1.31
C ILE A 109 -20.96 7.59 -0.86
N ASN A 110 -20.76 6.41 -0.28
CA ASN A 110 -19.44 5.94 0.07
C ASN A 110 -18.65 5.51 -1.19
N THR A 111 -17.77 6.42 -1.63
CA THR A 111 -16.97 6.22 -2.82
C THR A 111 -16.10 4.93 -2.80
N GLU A 112 -15.43 4.68 -1.69
CA GLU A 112 -14.67 3.45 -1.57
C GLU A 112 -15.52 2.21 -1.78
N GLU A 113 -16.71 2.16 -1.18
CA GLU A 113 -17.58 0.99 -1.31
C GLU A 113 -18.01 0.78 -2.79
N VAL A 114 -18.34 1.91 -3.47
CA VAL A 114 -18.69 1.88 -4.89
C VAL A 114 -17.53 1.32 -5.77
N ILE A 115 -16.38 1.93 -5.60
CA ILE A 115 -15.21 1.53 -6.35
C ILE A 115 -14.88 0.04 -6.10
N ASN A 116 -15.04 -0.43 -4.88
CA ASN A 116 -14.65 -1.78 -4.53
C ASN A 116 -15.65 -2.85 -4.93
N ALA A 117 -16.84 -2.46 -5.39
CA ALA A 117 -17.71 -3.36 -6.15
C ALA A 117 -17.26 -3.59 -7.59
N ILE A 118 -16.31 -2.83 -8.11
CA ILE A 118 -15.82 -3.11 -9.46
C ILE A 118 -15.06 -4.44 -9.51
N ALA A 119 -15.38 -5.26 -10.51
CA ALA A 119 -14.68 -6.53 -10.65
C ALA A 119 -13.17 -6.21 -11.01
N PRO A 120 -12.23 -6.79 -10.28
CA PRO A 120 -10.80 -6.41 -10.44
C PRO A 120 -10.24 -6.56 -11.85
N GLU A 121 -10.74 -7.51 -12.62
CA GLU A 121 -10.29 -7.75 -14.00
C GLU A 121 -10.81 -6.65 -14.97
N LYS A 122 -11.79 -5.87 -14.53
CA LYS A 122 -12.34 -4.77 -15.32
C LYS A 122 -11.96 -3.39 -14.78
N ASP A 123 -11.14 -3.38 -13.74
CA ASP A 123 -10.86 -2.12 -12.99
C ASP A 123 -9.71 -1.38 -13.69
N VAL A 124 -9.99 -0.82 -14.85
CA VAL A 124 -8.92 -0.21 -15.64
C VAL A 124 -8.29 1.08 -15.00
N ASP A 125 -9.00 1.76 -14.12
CA ASP A 125 -8.45 2.83 -13.30
C ASP A 125 -7.59 2.37 -12.11
N GLY A 126 -7.64 1.09 -11.76
CA GLY A 126 -6.78 0.54 -10.70
C GLY A 126 -7.04 1.02 -9.28
N LEU A 127 -8.29 1.40 -9.02
CA LEU A 127 -8.64 1.99 -7.74
C LEU A 127 -9.31 1.06 -6.76
N THR A 128 -9.56 -0.18 -7.15
CA THR A 128 -10.04 -1.15 -6.19
C THR A 128 -8.94 -1.43 -5.17
N SER A 129 -9.36 -1.69 -3.93
CA SER A 129 -8.42 -2.10 -2.91
C SER A 129 -7.57 -3.32 -3.31
N ILE A 130 -8.13 -4.29 -4.04
CA ILE A 130 -7.39 -5.44 -4.49
C ILE A 130 -6.18 -5.04 -5.35
N ASN A 131 -6.44 -4.20 -6.32
CA ASN A 131 -5.39 -3.70 -7.21
C ASN A 131 -4.37 -2.79 -6.50
N ALA A 132 -4.87 -1.88 -5.67
CA ALA A 132 -4.01 -1.05 -4.79
C ALA A 132 -3.10 -1.89 -3.89
N GLY A 133 -3.65 -2.94 -3.33
CA GLY A 133 -2.94 -3.88 -2.49
C GLY A 133 -1.85 -4.66 -3.19
N ARG A 134 -2.08 -5.03 -4.46
CA ARG A 134 -1.05 -5.69 -5.22
C ARG A 134 0.08 -4.74 -5.54
N LEU A 135 -0.28 -3.55 -6.00
CA LEU A 135 0.70 -2.53 -6.35
C LEU A 135 1.52 -2.13 -5.11
N ALA A 136 0.84 -1.86 -4.00
CA ALA A 136 1.52 -1.42 -2.80
C ALA A 136 2.47 -2.47 -2.27
N ARG A 137 2.28 -3.76 -2.58
CA ARG A 137 3.21 -4.75 -2.12
C ARG A 137 4.22 -5.27 -3.17
N GLY A 138 4.31 -4.63 -4.33
CA GLY A 138 5.28 -5.01 -5.34
C GLY A 138 4.85 -6.03 -6.40
N ASP A 139 3.59 -6.52 -6.34
CA ASP A 139 3.12 -7.51 -7.31
C ASP A 139 2.53 -6.82 -8.50
N LEU A 140 3.38 -6.29 -9.35
CA LEU A 140 2.93 -5.61 -10.57
C LEU A 140 2.57 -6.59 -11.72
N ASN A 141 2.66 -7.89 -11.49
CA ASN A 141 2.43 -8.89 -12.55
C ASN A 141 1.02 -8.88 -13.09
N ASP A 142 0.04 -8.81 -12.19
CA ASP A 142 -1.36 -9.15 -12.55
C ASP A 142 -2.33 -8.08 -11.93
N CYS A 143 -2.05 -6.82 -12.30
CA CYS A 143 -2.53 -5.67 -11.55
C CYS A 143 -2.77 -4.43 -12.47
N PHE A 144 -3.92 -3.73 -12.40
CA PHE A 144 -4.07 -2.44 -13.08
C PHE A 144 -3.57 -1.37 -12.17
N ILE A 145 -2.87 -0.43 -12.77
CA ILE A 145 -2.22 0.68 -12.08
C ILE A 145 -2.96 1.99 -12.43
N PRO A 146 -3.19 2.88 -11.45
CA PRO A 146 -3.91 4.07 -11.85
C PRO A 146 -3.27 4.88 -12.97
N CYS A 147 -4.13 5.54 -13.74
CA CYS A 147 -3.75 6.06 -15.05
C CYS A 147 -2.73 7.25 -14.90
N THR A 148 -2.87 8.08 -13.86
CA THR A 148 -2.01 9.23 -13.68
C THR A 148 -0.60 8.82 -13.30
N PRO A 149 -0.43 8.00 -12.24
CA PRO A 149 0.95 7.55 -11.95
C PRO A 149 1.59 6.76 -13.11
N LYS A 150 0.79 5.92 -13.73
CA LYS A 150 1.27 5.21 -14.89
C LYS A 150 1.87 6.17 -15.99
N GLY A 151 1.14 7.25 -16.27
CA GLY A 151 1.60 8.25 -17.26
C GLY A 151 2.86 8.98 -16.79
N CYS A 152 2.91 9.27 -15.50
CA CYS A 152 4.08 9.88 -14.89
C CYS A 152 5.30 8.98 -15.04
N LEU A 153 5.15 7.69 -14.84
CA LEU A 153 6.28 6.76 -14.93
C LEU A 153 6.81 6.71 -16.33
N GLU A 154 5.90 6.64 -17.28
CA GLU A 154 6.26 6.71 -18.69
C GLU A 154 7.01 8.00 -19.06
N LEU A 155 6.57 9.17 -18.57
CA LEU A 155 7.32 10.42 -18.75
C LEU A 155 8.72 10.36 -18.13
N ILE A 156 8.83 9.81 -16.92
CA ILE A 156 10.13 9.63 -16.30
C ILE A 156 11.02 8.77 -17.18
N LYS A 157 10.47 7.67 -17.72
CA LYS A 157 11.27 6.82 -18.61
C LYS A 157 11.67 7.47 -19.91
N GLU A 158 10.86 8.40 -20.44
CA GLU A 158 11.26 9.19 -21.60
C GLU A 158 12.54 9.97 -21.44
N THR A 159 12.97 10.21 -20.24
CA THR A 159 14.25 10.86 -20.06
C THR A 159 15.42 9.91 -20.36
N GLY A 160 15.20 8.60 -20.41
CA GLY A 160 16.32 7.61 -20.45
C GLY A 160 17.16 7.49 -19.18
N VAL A 161 16.88 8.22 -18.10
CA VAL A 161 17.61 8.09 -16.88
C VAL A 161 17.06 6.92 -16.04
N PRO A 162 17.92 5.95 -15.67
CA PRO A 162 17.39 4.83 -14.86
C PRO A 162 16.90 5.35 -13.49
N ILE A 163 15.76 4.82 -13.09
CA ILE A 163 15.14 5.13 -11.80
C ILE A 163 15.87 4.48 -10.61
N ALA A 164 16.35 3.26 -10.79
CA ALA A 164 16.98 2.45 -9.72
C ALA A 164 18.07 3.23 -8.97
N GLY A 165 17.96 3.30 -7.64
CA GLY A 165 18.98 4.03 -6.86
C GLY A 165 18.81 5.53 -6.73
N ARG A 166 17.89 6.12 -7.49
CA ARG A 166 17.61 7.57 -7.38
C ARG A 166 16.82 7.86 -6.11
N HIS A 167 17.02 9.01 -5.50
CA HIS A 167 16.10 9.51 -4.48
C HIS A 167 14.94 10.21 -5.15
N ALA A 168 13.75 9.63 -5.06
CA ALA A 168 12.54 10.24 -5.59
C ALA A 168 11.75 10.90 -4.47
N VAL A 169 11.13 12.03 -4.78
CA VAL A 169 10.20 12.67 -3.86
C VAL A 169 8.83 12.76 -4.47
N VAL A 170 7.81 12.28 -3.75
CA VAL A 170 6.41 12.44 -4.15
C VAL A 170 5.74 13.40 -3.20
N VAL A 171 5.22 14.51 -3.73
CA VAL A 171 4.49 15.50 -2.93
C VAL A 171 3.02 15.29 -3.19
N GLY A 172 2.34 14.79 -2.19
CA GLY A 172 1.01 14.23 -2.33
C GLY A 172 0.93 12.75 -2.01
N ARG A 173 -0.17 12.31 -1.39
CA ARG A 173 -0.40 10.90 -1.08
C ARG A 173 -1.83 10.41 -1.36
N SER A 174 -2.51 11.00 -2.34
CA SER A 174 -3.90 10.59 -2.64
C SER A 174 -3.94 9.21 -3.24
N LYS A 175 -5.10 8.57 -3.14
CA LYS A 175 -5.41 7.27 -3.75
C LYS A 175 -5.25 7.27 -5.25
N ILE A 176 -5.57 8.39 -5.87
CA ILE A 176 -5.59 8.50 -7.32
C ILE A 176 -4.20 8.75 -7.88
N VAL A 177 -3.38 9.50 -7.15
CA VAL A 177 -2.09 9.89 -7.69
C VAL A 177 -0.90 9.60 -6.77
N GLY A 178 -0.77 10.35 -5.68
CA GLY A 178 0.43 10.29 -4.83
C GLY A 178 0.83 8.93 -4.28
N ALA A 179 -0.13 8.21 -3.71
CA ALA A 179 0.15 6.93 -3.08
C ALA A 179 0.60 5.89 -4.12
N PRO A 180 -0.18 5.68 -5.20
CA PRO A 180 0.32 4.79 -6.22
C PRO A 180 1.58 5.23 -6.90
N MET A 181 1.79 6.53 -6.98
CA MET A 181 3.04 7.04 -7.58
C MET A 181 4.24 6.60 -6.77
N HIS A 182 4.13 6.71 -5.46
CA HIS A 182 5.14 6.20 -4.54
C HIS A 182 5.41 4.75 -4.83
N ASP A 183 4.35 3.94 -4.92
CA ASP A 183 4.55 2.52 -5.14
C ASP A 183 5.28 2.20 -6.44
N LEU A 184 4.94 2.88 -7.53
CA LEU A 184 5.60 2.66 -8.81
C LEU A 184 7.05 3.02 -8.74
N LEU A 185 7.37 4.14 -8.10
CA LEU A 185 8.78 4.49 -7.97
C LEU A 185 9.56 3.51 -7.10
N LEU A 186 8.98 3.07 -6.01
CA LEU A 186 9.63 2.15 -5.07
C LEU A 186 9.93 0.81 -5.73
N TRP A 187 8.97 0.25 -6.44
CA TRP A 187 9.16 -1.05 -7.10
C TRP A 187 9.90 -0.91 -8.43
N ASN A 188 10.24 0.30 -8.85
CA ASN A 188 11.28 0.51 -9.86
C ASN A 188 12.60 0.89 -9.19
N ASN A 189 12.70 0.61 -7.90
CA ASN A 189 13.95 0.66 -7.14
C ASN A 189 14.52 2.02 -6.81
N ALA A 190 13.69 3.04 -6.86
CA ALA A 190 14.03 4.32 -6.25
C ALA A 190 13.94 4.23 -4.74
N THR A 191 14.62 5.11 -4.08
CA THR A 191 14.46 5.39 -2.66
C THR A 191 13.47 6.50 -2.62
N VAL A 192 12.34 6.32 -1.95
CA VAL A 192 11.20 7.27 -2.14
C VAL A 192 10.83 7.94 -0.84
N THR A 193 10.70 9.27 -0.87
CA THR A 193 10.14 10.04 0.26
C THR A 193 8.76 10.56 -0.14
N THR A 194 7.76 10.32 0.69
CA THR A 194 6.43 10.88 0.49
C THR A 194 6.16 12.01 1.45
N CYS A 195 5.72 13.13 0.90
CA CYS A 195 5.33 14.34 1.61
C CYS A 195 3.85 14.55 1.45
N HIS A 196 3.28 15.36 2.33
CA HIS A 196 1.86 15.66 2.38
C HIS A 196 1.66 16.98 3.12
N SER A 197 0.41 17.34 3.48
CA SER A 197 0.11 18.64 4.15
C SER A 197 0.71 18.82 5.54
N LYS A 198 1.14 17.73 6.18
CA LYS A 198 1.82 17.80 7.49
C LYS A 198 3.31 17.66 7.42
N THR A 199 3.89 17.70 6.24
CA THR A 199 5.33 17.64 6.13
C THR A 199 5.89 18.98 6.57
N ALA A 200 6.88 18.92 7.46
CA ALA A 200 7.68 20.07 7.86
C ALA A 200 8.76 20.31 6.84
N HIS A 201 9.15 21.56 6.65
CA HIS A 201 10.31 21.86 5.80
C HIS A 201 10.20 21.14 4.42
N LEU A 202 9.04 21.33 3.82
CA LEU A 202 8.75 20.84 2.47
C LEU A 202 9.87 21.15 1.47
N ASP A 203 10.36 22.38 1.51
CA ASP A 203 11.45 22.82 0.65
C ASP A 203 12.69 21.93 0.73
N GLU A 204 13.08 21.57 1.94
CA GLU A 204 14.27 20.77 2.18
C GLU A 204 14.02 19.31 1.70
N GLU A 205 12.78 18.80 1.81
CA GLU A 205 12.43 17.47 1.31
C GLU A 205 12.46 17.47 -0.22
N VAL A 206 11.87 18.49 -0.81
CA VAL A 206 11.83 18.58 -2.27
C VAL A 206 13.22 18.65 -2.85
N ASN A 207 14.12 19.32 -2.14
CA ASN A 207 15.46 19.54 -2.62
C ASN A 207 16.31 18.27 -2.73
N LYS A 208 15.86 17.18 -2.08
CA LYS A 208 16.54 15.88 -2.16
C LYS A 208 16.11 15.06 -3.38
N GLY A 209 15.06 15.48 -4.11
CA GLY A 209 14.59 14.72 -5.24
C GLY A 209 15.34 14.76 -6.55
N ASP A 210 16.01 13.66 -6.91
CA ASP A 210 16.48 13.44 -8.29
C ASP A 210 15.31 13.28 -9.22
N ILE A 211 14.25 12.67 -8.68
CA ILE A 211 12.97 12.60 -9.36
C ILE A 211 11.96 13.25 -8.44
N LEU A 212 11.14 14.12 -9.00
CA LEU A 212 10.15 14.83 -8.17
C LEU A 212 8.84 14.72 -8.84
N VAL A 213 7.84 14.16 -8.18
CA VAL A 213 6.50 14.15 -8.72
C VAL A 213 5.62 14.93 -7.78
N VAL A 214 4.89 15.94 -8.30
CA VAL A 214 4.04 16.78 -7.47
C VAL A 214 2.57 16.61 -7.86
N ALA A 215 1.73 16.33 -6.86
CA ALA A 215 0.30 16.10 -7.06
C ALA A 215 -0.48 16.54 -5.83
N THR A 216 -0.54 17.88 -5.69
CA THR A 216 -1.09 18.58 -4.53
C THR A 216 -2.36 19.37 -4.79
N GLY A 217 -2.53 19.88 -6.00
CA GLY A 217 -3.63 20.77 -6.34
C GLY A 217 -3.50 22.13 -5.67
N GLN A 218 -2.26 22.55 -5.37
CA GLN A 218 -1.97 23.85 -4.75
C GLN A 218 -1.17 24.63 -5.75
N PRO A 219 -1.79 25.67 -6.37
CA PRO A 219 -1.23 26.23 -7.61
C PRO A 219 0.16 26.77 -7.41
N GLU A 220 1.12 26.26 -8.19
CA GLU A 220 2.52 26.77 -8.16
C GLU A 220 3.21 26.82 -6.79
N MET A 221 2.77 25.99 -5.83
CA MET A 221 3.32 26.04 -4.47
C MET A 221 4.79 25.53 -4.40
N VAL A 222 5.15 24.57 -5.24
CA VAL A 222 6.52 24.06 -5.25
C VAL A 222 7.38 25.00 -6.03
N LYS A 223 8.29 25.67 -5.32
CA LYS A 223 9.03 26.78 -5.92
C LYS A 223 10.24 26.22 -6.64
N GLY A 224 10.67 26.90 -7.68
CA GLY A 224 11.85 26.49 -8.44
C GLY A 224 13.12 26.42 -7.63
N GLU A 225 13.24 27.34 -6.67
CA GLU A 225 14.33 27.37 -5.68
C GLU A 225 14.55 26.01 -5.01
N TRP A 226 13.45 25.31 -4.77
CA TRP A 226 13.49 24.06 -3.99
C TRP A 226 14.03 22.91 -4.82
N ILE A 227 13.92 23.01 -6.14
CA ILE A 227 14.22 21.90 -7.03
C ILE A 227 15.72 21.58 -7.05
N LYS A 228 16.05 20.30 -6.93
CA LYS A 228 17.42 19.89 -7.02
C LYS A 228 17.95 20.16 -8.42
N PRO A 229 19.18 20.75 -8.53
CA PRO A 229 19.75 20.93 -9.88
C PRO A 229 19.89 19.58 -10.62
N GLY A 230 19.41 19.55 -11.86
CA GLY A 230 19.40 18.35 -12.68
C GLY A 230 18.21 17.41 -12.45
N ALA A 231 17.24 17.80 -11.64
CA ALA A 231 16.12 16.91 -11.30
C ALA A 231 15.19 16.69 -12.48
N ILE A 232 14.51 15.55 -12.46
CA ILE A 232 13.38 15.30 -13.34
C ILE A 232 12.11 15.71 -12.59
N VAL A 233 11.32 16.63 -13.14
CA VAL A 233 10.17 17.24 -12.44
C VAL A 233 8.90 16.88 -13.22
N ILE A 234 7.99 16.19 -12.52
CA ILE A 234 6.77 15.68 -13.06
C ILE A 234 5.66 16.39 -12.26
N ASP A 235 4.82 17.13 -12.98
CA ASP A 235 3.83 18.04 -12.37
C ASP A 235 2.43 17.63 -12.80
N CYS A 236 1.66 17.09 -11.87
CA CYS A 236 0.32 16.57 -12.13
C CYS A 236 -0.77 17.62 -11.96
N GLY A 237 -0.44 18.81 -11.47
CA GLY A 237 -1.45 19.81 -11.14
C GLY A 237 -2.22 20.36 -12.35
N ILE A 238 -3.52 20.51 -12.17
CA ILE A 238 -4.44 21.21 -13.06
C ILE A 238 -5.18 22.27 -12.19
N ASN A 239 -4.69 23.51 -12.13
CA ASN A 239 -5.25 24.57 -11.27
C ASN A 239 -5.72 25.82 -12.07
N TYR A 240 -6.93 26.35 -11.78
CA TYR A 240 -7.53 27.50 -12.51
C TYR A 240 -7.29 28.81 -11.75
N LYS A 251 -6.35 30.98 -16.80
CA LYS A 251 -5.28 30.11 -17.23
C LYS A 251 -5.23 28.85 -16.35
N VAL A 252 -4.59 27.82 -16.88
CA VAL A 252 -4.36 26.58 -16.18
C VAL A 252 -2.88 26.61 -15.85
N VAL A 253 -2.55 26.37 -14.58
CA VAL A 253 -1.19 26.16 -14.12
C VAL A 253 -1.02 24.90 -13.30
N GLY A 254 0.24 24.48 -13.17
CA GLY A 254 0.61 23.29 -12.41
C GLY A 254 0.77 23.54 -10.94
N ASP A 255 1.17 22.47 -10.25
CA ASP A 255 1.56 22.56 -8.84
C ASP A 255 2.96 23.01 -8.68
N VAL A 256 3.68 23.14 -9.78
CA VAL A 256 5.06 23.62 -9.76
C VAL A 256 5.12 25.00 -10.43
N ALA A 257 5.94 25.90 -9.88
CA ALA A 257 6.22 27.20 -10.52
C ALA A 257 7.16 26.96 -11.69
N TYR A 258 6.58 26.79 -12.86
CA TYR A 258 7.29 26.30 -14.02
C TYR A 258 8.51 27.16 -14.46
N ASP A 259 8.33 28.47 -14.46
CA ASP A 259 9.34 29.34 -15.04
C ASP A 259 10.63 29.31 -14.22
N GLU A 260 10.50 29.19 -12.91
CA GLU A 260 11.68 29.03 -12.07
C GLU A 260 12.18 27.60 -12.09
N ALA A 261 11.26 26.63 -12.06
CA ALA A 261 11.70 25.20 -12.01
C ALA A 261 12.42 24.81 -13.29
N LYS A 262 12.02 25.36 -14.46
CA LYS A 262 12.67 25.01 -15.72
C LYS A 262 14.13 25.38 -15.76
N GLU A 263 14.59 26.34 -14.94
CA GLU A 263 15.99 26.75 -14.93
C GLU A 263 16.83 25.81 -14.10
N ARG A 264 16.20 25.01 -13.25
CA ARG A 264 16.95 24.12 -12.37
C ARG A 264 16.90 22.65 -12.79
N ALA A 265 15.76 22.19 -13.29
CA ALA A 265 15.57 20.80 -13.74
C ALA A 265 16.34 20.47 -15.01
N SER A 266 16.62 19.20 -15.20
CA SER A 266 17.11 18.73 -16.49
C SER A 266 15.95 18.37 -17.40
N PHE A 267 14.85 17.87 -16.81
CA PHE A 267 13.66 17.51 -17.54
C PHE A 267 12.41 17.97 -16.77
N ILE A 268 11.42 18.48 -17.49
CA ILE A 268 10.21 18.97 -16.83
C ILE A 268 8.98 18.80 -17.68
N THR A 269 7.87 18.54 -17.02
CA THR A 269 6.59 18.48 -17.72
C THR A 269 5.93 19.87 -17.70
N PRO A 270 5.53 20.40 -18.86
CA PRO A 270 4.70 21.62 -18.79
C PRO A 270 3.26 21.30 -18.37
N VAL A 271 2.50 22.33 -18.03
CA VAL A 271 1.07 22.28 -17.81
C VAL A 271 0.41 23.45 -18.60
N PRO A 272 -0.59 23.22 -19.46
CA PRO A 272 -1.08 21.89 -19.87
C PRO A 272 -0.07 21.17 -20.76
N GLY A 273 -0.47 19.99 -21.27
CA GLY A 273 0.29 19.22 -22.28
C GLY A 273 1.40 18.28 -21.77
N GLY A 274 1.37 18.00 -20.47
CA GLY A 274 2.40 17.19 -19.82
C GLY A 274 1.77 15.90 -19.38
N VAL A 275 1.41 15.83 -18.09
CA VAL A 275 0.86 14.61 -17.50
C VAL A 275 -0.55 14.33 -18.05
N GLY A 276 -1.39 15.35 -18.21
CA GLY A 276 -2.79 15.14 -18.65
C GLY A 276 -3.05 14.26 -19.87
N PRO A 277 -2.38 14.52 -20.99
CA PRO A 277 -2.63 13.66 -22.14
C PRO A 277 -2.11 12.25 -21.95
N MET A 278 -1.03 12.12 -21.17
CA MET A 278 -0.41 10.81 -20.88
C MET A 278 -1.30 9.92 -20.06
N THR A 279 -2.04 10.53 -19.15
CA THR A 279 -3.03 9.85 -18.34
C THR A 279 -4.12 9.16 -19.19
N VAL A 280 -4.61 9.85 -20.23
CA VAL A 280 -5.64 9.32 -21.07
C VAL A 280 -5.10 8.19 -21.94
N ALA A 281 -3.87 8.32 -22.44
CA ALA A 281 -3.26 7.27 -23.18
C ALA A 281 -3.12 5.95 -22.35
N MET A 282 -2.74 6.11 -21.08
CA MET A 282 -2.57 4.94 -20.17
C MET A 282 -3.91 4.27 -19.87
N LEU A 283 -4.97 5.06 -19.67
CA LEU A 283 -6.31 4.49 -19.54
C LEU A 283 -6.61 3.63 -20.77
N MET A 284 -6.34 4.16 -21.95
CA MET A 284 -6.57 3.41 -23.18
C MET A 284 -5.68 2.16 -23.21
N GLN A 285 -4.41 2.30 -22.84
CA GLN A 285 -3.57 1.12 -22.79
C GLN A 285 -4.14 0.05 -21.84
N SER A 286 -4.57 0.46 -20.63
CA SER A 286 -5.14 -0.49 -19.69
C SER A 286 -6.42 -1.16 -20.26
N THR A 287 -7.22 -0.37 -20.98
CA THR A 287 -8.40 -0.90 -21.62
C THR A 287 -8.06 -1.96 -22.66
N VAL A 288 -7.06 -1.70 -23.51
CA VAL A 288 -6.65 -2.66 -24.50
C VAL A 288 -6.12 -3.94 -23.83
N GLU A 289 -5.37 -3.80 -22.72
CA GLU A 289 -4.92 -4.96 -21.93
C GLU A 289 -6.09 -5.78 -21.42
N SER A 290 -7.14 -5.12 -20.89
CA SER A 290 -8.25 -5.87 -20.36
C SER A 290 -8.90 -6.65 -21.51
N ALA A 291 -9.10 -6.00 -22.65
CA ALA A 291 -9.68 -6.70 -23.81
C ALA A 291 -8.84 -7.91 -24.25
N LYS A 292 -7.51 -7.74 -24.32
CA LYS A 292 -6.58 -8.85 -24.64
C LYS A 292 -6.64 -9.99 -23.61
N ARG A 293 -6.64 -9.69 -22.32
CA ARG A 293 -6.77 -10.73 -21.31
C ARG A 293 -8.06 -11.50 -21.45
N PHE A 294 -9.15 -10.80 -21.76
CA PHE A 294 -10.45 -11.44 -21.95
C PHE A 294 -10.40 -12.42 -23.13
N LEU A 295 -9.71 -12.07 -24.20
CA LEU A 295 -9.31 -13.07 -25.21
C LEU A 295 -8.27 -14.12 -24.66
N GLU A 296 -8.63 -14.80 -23.59
CA GLU A 296 -7.83 -15.89 -23.00
C GLU A 296 -8.75 -16.74 -22.09
N ALA B 2 24.02 10.97 28.03
CA ALA B 2 22.55 10.95 27.69
C ALA B 2 22.20 9.70 26.82
N PRO B 3 22.36 8.47 27.38
CA PRO B 3 21.99 7.24 26.63
C PRO B 3 20.46 6.99 26.48
N ALA B 4 20.10 6.26 25.41
CA ALA B 4 18.70 6.04 25.05
C ALA B 4 17.90 5.38 26.12
N GLU B 5 16.65 5.82 26.32
CA GLU B 5 15.71 5.04 27.11
C GLU B 5 15.49 3.71 26.30
N ILE B 6 15.41 2.59 27.03
CA ILE B 6 15.20 1.27 26.49
C ILE B 6 13.71 1.00 26.46
N LEU B 7 13.15 0.72 25.27
CA LEU B 7 11.74 0.32 25.12
C LEU B 7 11.65 -1.16 25.40
N ASN B 8 11.15 -1.48 26.56
CA ASN B 8 11.04 -2.87 27.00
C ASN B 8 9.78 -3.58 26.46
N GLY B 9 9.92 -4.23 25.34
CA GLY B 9 8.81 -4.98 24.72
C GLY B 9 8.15 -6.10 25.50
N LYS B 10 8.94 -6.76 26.32
CA LYS B 10 8.41 -7.74 27.27
C LYS B 10 7.41 -7.14 28.27
N GLU B 11 7.74 -6.01 28.85
CA GLU B 11 6.84 -5.37 29.84
C GLU B 11 5.63 -4.77 29.16
N ILE B 12 5.87 -4.07 28.05
CA ILE B 12 4.81 -3.38 27.35
C ILE B 12 3.82 -4.43 26.84
N SER B 13 4.30 -5.52 26.27
CA SER B 13 3.41 -6.54 25.73
C SER B 13 2.58 -7.17 26.84
N ALA B 14 3.23 -7.39 28.00
CA ALA B 14 2.50 -7.92 29.15
C ALA B 14 1.38 -6.96 29.62
N GLN B 15 1.62 -5.66 29.68
CA GLN B 15 0.53 -4.69 29.93
C GLN B 15 -0.59 -4.79 28.87
N ILE B 16 -0.22 -4.97 27.60
CA ILE B 16 -1.20 -5.05 26.54
C ILE B 16 -2.07 -6.29 26.71
N ARG B 17 -1.44 -7.42 26.95
CA ARG B 17 -2.20 -8.64 27.13
C ARG B 17 -3.14 -8.58 28.38
N ALA B 18 -2.67 -7.97 29.46
CA ALA B 18 -3.53 -7.78 30.68
C ALA B 18 -4.74 -6.86 30.38
N ARG B 19 -4.50 -5.78 29.63
CA ARG B 19 -5.65 -4.90 29.25
C ARG B 19 -6.63 -5.61 28.32
N LEU B 20 -6.14 -6.39 27.34
CA LEU B 20 -6.99 -7.11 26.43
C LEU B 20 -7.86 -8.11 27.21
N LYS B 21 -7.25 -8.78 28.18
CA LYS B 21 -8.00 -9.66 29.06
C LYS B 21 -9.20 -8.97 29.72
N ASN B 22 -8.93 -7.83 30.33
CA ASN B 22 -9.97 -7.06 30.99
C ASN B 22 -11.02 -6.62 30.01
N GLN B 23 -10.59 -6.17 28.82
CA GLN B 23 -11.55 -5.79 27.80
C GLN B 23 -12.40 -7.01 27.42
N VAL B 24 -11.77 -8.18 27.27
CA VAL B 24 -12.55 -9.33 26.85
C VAL B 24 -13.56 -9.77 27.91
N THR B 25 -13.14 -9.75 29.18
CA THR B 25 -14.06 -10.02 30.32
C THR B 25 -15.25 -9.09 30.29
N GLN B 26 -14.97 -7.82 30.01
CA GLN B 26 -16.01 -6.81 29.97
C GLN B 26 -16.95 -6.95 28.77
N LEU B 27 -16.45 -7.26 27.58
CA LEU B 27 -17.33 -7.55 26.42
C LEU B 27 -18.30 -8.68 26.73
N LYS B 28 -17.81 -9.75 27.34
CA LYS B 28 -18.65 -10.86 27.66
C LYS B 28 -19.74 -10.56 28.71
N GLU B 29 -19.44 -9.65 29.64
CA GLU B 29 -20.44 -9.22 30.62
C GLU B 29 -21.46 -8.24 30.03
N GLN B 30 -21.01 -7.38 29.12
CA GLN B 30 -21.91 -6.46 28.42
CA GLN B 30 -21.83 -6.43 28.35
C GLN B 30 -22.84 -7.19 27.46
N VAL B 31 -22.37 -8.27 26.82
CA VAL B 31 -23.15 -9.07 25.87
C VAL B 31 -23.07 -10.57 26.20
N PRO B 32 -23.85 -11.03 27.19
CA PRO B 32 -23.58 -12.41 27.65
C PRO B 32 -23.84 -13.46 26.56
N GLY B 33 -22.98 -14.46 26.53
CA GLY B 33 -22.94 -15.44 25.44
C GLY B 33 -22.01 -15.08 24.27
N PHE B 34 -21.69 -13.80 24.10
CA PHE B 34 -20.69 -13.42 23.10
C PHE B 34 -19.32 -13.97 23.48
N THR B 35 -18.67 -14.62 22.53
CA THR B 35 -17.39 -15.29 22.73
C THR B 35 -16.34 -14.89 21.62
N PRO B 36 -15.46 -13.89 21.84
CA PRO B 36 -14.46 -13.64 20.80
C PRO B 36 -13.76 -14.94 20.40
N ARG B 37 -13.57 -15.13 19.12
CA ARG B 37 -13.08 -16.40 18.65
C ARG B 37 -12.07 -16.22 17.51
N LEU B 38 -10.94 -16.92 17.65
CA LEU B 38 -9.83 -16.97 16.68
C LEU B 38 -9.67 -18.42 16.25
N ALA B 39 -9.41 -18.63 14.96
CA ALA B 39 -9.03 -19.96 14.45
C ALA B 39 -7.65 -19.86 13.77
N ILE B 40 -6.87 -20.92 13.88
CA ILE B 40 -5.61 -21.05 13.18
C ILE B 40 -5.63 -22.32 12.35
N LEU B 41 -5.43 -22.18 11.05
CA LEU B 41 -5.42 -23.29 10.12
C LEU B 41 -3.96 -23.61 9.81
N GLN B 42 -3.58 -24.86 10.04
CA GLN B 42 -2.25 -25.36 9.80
C GLN B 42 -2.31 -26.46 8.75
N VAL B 43 -1.33 -26.50 7.86
CA VAL B 43 -1.16 -27.62 6.94
C VAL B 43 0.16 -28.32 7.23
N GLY B 44 0.07 -29.62 7.56
CA GLY B 44 1.24 -30.43 7.87
C GLY B 44 1.55 -30.42 9.35
N ASN B 45 2.81 -30.58 9.66
CA ASN B 45 3.21 -30.81 11.05
C ASN B 45 4.61 -30.29 11.33
N ARG B 46 4.96 -29.10 10.83
CA ARG B 46 6.30 -28.61 11.09
C ARG B 46 6.49 -28.33 12.58
N ASP B 47 7.67 -28.68 13.11
CA ASP B 47 8.04 -28.43 14.49
C ASP B 47 7.96 -26.95 14.84
N ASP B 48 8.52 -26.04 14.04
CA ASP B 48 8.54 -24.62 14.38
C ASP B 48 7.09 -24.05 14.39
N SER B 49 6.28 -24.42 13.40
CA SER B 49 4.91 -23.99 13.33
C SER B 49 4.13 -24.47 14.57
N ASN B 50 4.34 -25.73 15.00
CA ASN B 50 3.68 -26.24 16.21
C ASN B 50 4.00 -25.39 17.45
N LEU B 51 5.27 -24.97 17.55
CA LEU B 51 5.71 -24.14 18.66
C LEU B 51 5.03 -22.76 18.61
N TYR B 52 5.05 -22.12 17.44
CA TYR B 52 4.45 -20.79 17.32
C TYR B 52 2.94 -20.81 17.60
N ILE B 53 2.26 -21.85 17.10
CA ILE B 53 0.84 -21.96 17.23
C ILE B 53 0.51 -22.14 18.69
N ASN B 54 1.28 -22.96 19.40
CA ASN B 54 0.95 -23.20 20.80
C ASN B 54 1.08 -21.90 21.60
N VAL B 55 2.09 -21.06 21.27
CA VAL B 55 2.25 -19.78 21.93
C VAL B 55 1.01 -18.88 21.70
N LYS B 56 0.54 -18.85 20.45
CA LYS B 56 -0.65 -18.07 20.12
C LYS B 56 -1.90 -18.58 20.83
N LEU B 57 -2.12 -19.91 20.83
CA LEU B 57 -3.28 -20.50 21.51
C LEU B 57 -3.25 -20.22 23.03
N LYS B 58 -2.09 -20.33 23.64
CA LYS B 58 -1.97 -20.07 25.08
C LYS B 58 -2.24 -18.56 25.41
N ALA B 59 -1.71 -17.61 24.62
CA ALA B 59 -2.02 -16.19 24.82
C ALA B 59 -3.49 -15.92 24.69
N ALA B 60 -4.11 -16.52 23.68
CA ALA B 60 -5.53 -16.32 23.44
C ALA B 60 -6.35 -16.80 24.66
N GLU B 61 -6.10 -18.05 25.09
CA GLU B 61 -6.86 -18.62 26.24
C GLU B 61 -6.68 -17.79 27.53
N GLU B 62 -5.48 -17.27 27.76
CA GLU B 62 -5.24 -16.36 28.90
C GLU B 62 -6.09 -15.08 28.84
N ILE B 63 -6.33 -14.57 27.63
CA ILE B 63 -7.08 -13.33 27.45
C ILE B 63 -8.57 -13.61 27.50
N GLY B 64 -8.98 -14.87 27.33
CA GLY B 64 -10.42 -15.25 27.28
C GLY B 64 -10.97 -15.34 25.88
N ILE B 65 -10.08 -15.28 24.88
CA ILE B 65 -10.43 -15.54 23.50
C ILE B 65 -10.49 -17.06 23.29
N LYS B 66 -11.57 -17.57 22.74
CA LYS B 66 -11.60 -18.98 22.31
C LYS B 66 -10.76 -19.18 21.03
N ALA B 67 -9.80 -20.10 21.12
CA ALA B 67 -8.85 -20.38 20.07
C ALA B 67 -9.00 -21.83 19.56
N THR B 68 -9.30 -21.96 18.27
CA THR B 68 -9.43 -23.25 17.61
C THR B 68 -8.24 -23.45 16.67
N HIS B 69 -7.64 -24.63 16.77
CA HIS B 69 -6.54 -25.08 15.92
C HIS B 69 -7.01 -26.21 15.05
N ILE B 70 -7.01 -25.96 13.74
CA ILE B 70 -7.30 -26.97 12.74
C ILE B 70 -5.97 -27.34 12.11
N LYS B 71 -5.60 -28.63 12.23
CA LYS B 71 -4.35 -29.17 11.77
C LYS B 71 -4.64 -30.22 10.68
N LEU B 72 -4.34 -29.89 9.43
CA LEU B 72 -4.57 -30.80 8.30
C LEU B 72 -3.28 -31.58 7.99
N PRO B 73 -3.42 -32.85 7.54
CA PRO B 73 -2.20 -33.67 7.28
C PRO B 73 -1.42 -33.23 6.02
N ARG B 74 -0.17 -33.69 5.91
CA ARG B 74 0.71 -33.39 4.74
C ARG B 74 0.15 -33.81 3.39
N THR B 75 -0.76 -34.79 3.42
CA THR B 75 -1.42 -35.27 2.22
C THR B 75 -2.44 -34.27 1.65
N THR B 76 -2.76 -33.20 2.40
CA THR B 76 -3.80 -32.25 1.97
C THR B 76 -3.48 -31.58 0.62
N THR B 77 -4.52 -31.36 -0.17
CA THR B 77 -4.47 -30.68 -1.43
C THR B 77 -4.96 -29.27 -1.30
N GLU B 78 -4.60 -28.47 -2.29
CA GLU B 78 -5.00 -27.08 -2.41
C GLU B 78 -6.49 -26.95 -2.27
N SER B 79 -7.25 -27.77 -3.00
CA SER B 79 -8.67 -27.64 -2.96
C SER B 79 -9.24 -27.94 -1.58
N GLU B 80 -8.64 -28.82 -0.80
CA GLU B 80 -9.10 -29.01 0.59
C GLU B 80 -8.77 -27.80 1.48
N VAL B 81 -7.59 -27.18 1.33
CA VAL B 81 -7.26 -25.99 2.06
C VAL B 81 -8.30 -24.91 1.72
N MET B 82 -8.59 -24.71 0.44
CA MET B 82 -9.61 -23.71 0.01
C MET B 82 -10.98 -23.92 0.64
N LYS B 83 -11.38 -25.17 0.80
CA LYS B 83 -12.68 -25.48 1.39
C LYS B 83 -12.70 -25.07 2.88
N TYR B 84 -11.63 -25.36 3.62
CA TYR B 84 -11.57 -24.89 4.99
C TYR B 84 -11.62 -23.37 5.12
N ILE B 85 -10.96 -22.65 4.21
CA ILE B 85 -10.92 -21.19 4.28
C ILE B 85 -12.30 -20.64 4.07
N THR B 86 -12.99 -21.21 3.07
CA THR B 86 -14.37 -20.86 2.78
C THR B 86 -15.25 -21.13 4.01
N SER B 87 -15.04 -22.26 4.66
CA SER B 87 -15.81 -22.60 5.83
C SER B 87 -15.55 -21.66 6.98
N LEU B 88 -14.28 -21.30 7.20
CA LEU B 88 -13.98 -20.29 8.25
C LEU B 88 -14.58 -18.94 7.91
N ASN B 89 -14.52 -18.54 6.64
CA ASN B 89 -15.10 -17.27 6.23
C ASN B 89 -16.60 -17.22 6.61
N GLU B 90 -17.30 -18.34 6.40
CA GLU B 90 -18.75 -18.39 6.54
C GLU B 90 -19.22 -18.74 7.95
N ASP B 91 -18.34 -19.24 8.81
CA ASP B 91 -18.69 -19.56 10.19
C ASP B 91 -18.82 -18.27 11.04
N SER B 92 -20.06 -17.85 11.28
CA SER B 92 -20.34 -16.61 12.03
C SER B 92 -19.90 -16.63 13.49
N THR B 93 -19.55 -17.79 14.04
CA THR B 93 -18.91 -17.79 15.37
C THR B 93 -17.44 -17.37 15.36
N VAL B 94 -16.78 -17.35 14.18
CA VAL B 94 -15.32 -17.09 14.06
C VAL B 94 -15.11 -15.68 13.62
N HIS B 95 -14.47 -14.87 14.45
CA HIS B 95 -14.27 -13.45 14.20
C HIS B 95 -13.01 -13.16 13.43
N GLY B 96 -11.97 -13.94 13.70
CA GLY B 96 -10.70 -13.79 12.99
C GLY B 96 -10.04 -15.15 12.78
N PHE B 97 -9.37 -15.32 11.65
CA PHE B 97 -8.50 -16.49 11.53
C PHE B 97 -7.27 -16.21 10.71
N LEU B 98 -6.31 -17.11 10.82
CA LEU B 98 -5.11 -17.03 10.02
C LEU B 98 -4.69 -18.40 9.54
N VAL B 99 -3.86 -18.39 8.50
CA VAL B 99 -3.26 -19.57 7.98
C VAL B 99 -1.79 -19.49 8.36
N GLN B 100 -1.32 -20.49 9.09
CA GLN B 100 0.07 -20.52 9.52
C GLN B 100 0.93 -20.86 8.32
N LEU B 101 2.01 -20.11 8.18
CA LEU B 101 2.90 -20.23 7.06
C LEU B 101 4.29 -20.63 7.50
N PRO B 102 5.04 -21.37 6.67
CA PRO B 102 4.64 -21.88 5.38
C PRO B 102 3.87 -23.18 5.50
N LEU B 103 3.04 -23.44 4.49
CA LEU B 103 2.29 -24.68 4.37
C LEU B 103 3.24 -25.87 4.23
N ASP B 104 2.91 -26.99 4.86
CA ASP B 104 3.71 -28.23 4.80
C ASP B 104 2.87 -29.36 4.17
N SER B 105 2.98 -29.48 2.84
CA SER B 105 2.22 -30.49 2.09
C SER B 105 3.11 -31.17 1.07
N GLU B 106 2.72 -32.37 0.68
CA GLU B 106 3.42 -33.10 -0.39
C GLU B 106 2.99 -32.60 -1.77
N ASN B 107 1.84 -31.92 -1.84
CA ASN B 107 1.32 -31.36 -3.05
C ASN B 107 1.68 -29.89 -3.21
N SER B 108 1.62 -29.41 -4.46
CA SER B 108 1.80 -28.00 -4.76
C SER B 108 0.57 -27.25 -4.31
N ILE B 109 0.76 -26.23 -3.50
CA ILE B 109 -0.33 -25.40 -3.03
C ILE B 109 0.10 -23.96 -3.27
N ASN B 110 -0.68 -23.24 -4.04
CA ASN B 110 -0.46 -21.82 -4.26
C ASN B 110 -0.81 -20.98 -2.99
N THR B 111 0.21 -20.66 -2.21
CA THR B 111 0.12 -19.90 -0.98
C THR B 111 -0.59 -18.54 -1.14
N GLU B 112 -0.21 -17.77 -2.16
CA GLU B 112 -0.83 -16.50 -2.42
C GLU B 112 -2.35 -16.65 -2.59
N GLU B 113 -2.75 -17.64 -3.38
CA GLU B 113 -4.18 -17.84 -3.65
C GLU B 113 -4.95 -18.23 -2.39
N VAL B 114 -4.33 -19.07 -1.55
CA VAL B 114 -4.89 -19.50 -0.24
C VAL B 114 -5.11 -18.27 0.68
N ILE B 115 -4.05 -17.51 0.86
CA ILE B 115 -4.12 -16.33 1.69
C ILE B 115 -5.22 -15.36 1.20
N ASN B 116 -5.30 -15.17 -0.11
CA ASN B 116 -6.23 -14.22 -0.67
C ASN B 116 -7.70 -14.65 -0.76
N ALA B 117 -7.97 -15.91 -0.45
CA ALA B 117 -9.32 -16.38 -0.17
C ALA B 117 -9.80 -16.02 1.23
N ILE B 118 -8.91 -15.54 2.11
CA ILE B 118 -9.38 -15.11 3.44
C ILE B 118 -10.30 -13.91 3.36
N ALA B 119 -11.45 -13.99 4.03
CA ALA B 119 -12.37 -12.86 4.01
C ALA B 119 -11.65 -11.68 4.73
N PRO B 120 -11.61 -10.49 4.07
CA PRO B 120 -10.85 -9.38 4.64
C PRO B 120 -11.20 -8.97 6.05
N GLU B 121 -12.47 -9.12 6.40
CA GLU B 121 -13.01 -8.75 7.70
CA GLU B 121 -13.07 -8.80 7.71
C GLU B 121 -12.56 -9.76 8.80
N LYS B 122 -11.98 -10.91 8.41
CA LYS B 122 -11.45 -11.88 9.37
C LYS B 122 -9.95 -12.03 9.33
N ASP B 123 -9.29 -11.27 8.49
CA ASP B 123 -7.86 -11.45 8.18
C ASP B 123 -6.96 -10.85 9.27
N VAL B 124 -6.92 -11.45 10.43
CA VAL B 124 -6.19 -10.85 11.57
C VAL B 124 -4.68 -10.70 11.39
N ASP B 125 -4.07 -11.50 10.55
CA ASP B 125 -2.64 -11.30 10.15
C ASP B 125 -2.40 -10.17 9.14
N GLY B 126 -3.47 -9.72 8.49
CA GLY B 126 -3.41 -8.53 7.64
C GLY B 126 -2.66 -8.68 6.35
N LEU B 127 -2.53 -9.91 5.86
CA LEU B 127 -1.72 -10.14 4.67
C LEU B 127 -2.51 -10.34 3.40
N THR B 128 -3.83 -10.35 3.43
CA THR B 128 -4.58 -10.37 2.18
C THR B 128 -4.29 -9.08 1.35
N SER B 129 -4.30 -9.21 0.03
CA SER B 129 -4.18 -8.06 -0.83
C SER B 129 -5.20 -6.95 -0.54
N ILE B 130 -6.45 -7.32 -0.27
CA ILE B 130 -7.48 -6.33 -0.01
C ILE B 130 -7.16 -5.53 1.24
N ASN B 131 -6.73 -6.20 2.28
CA ASN B 131 -6.34 -5.52 3.51
C ASN B 131 -5.09 -4.68 3.38
N ALA B 132 -4.07 -5.19 2.68
CA ALA B 132 -2.87 -4.40 2.32
C ALA B 132 -3.23 -3.12 1.57
N GLY B 133 -4.14 -3.26 0.62
CA GLY B 133 -4.64 -2.16 -0.15
C GLY B 133 -5.38 -1.08 0.64
N ARG B 134 -6.17 -1.49 1.62
CA ARG B 134 -6.84 -0.55 2.50
C ARG B 134 -5.84 0.18 3.39
N LEU B 135 -4.92 -0.56 3.97
CA LEU B 135 -3.89 0.02 4.82
C LEU B 135 -3.02 0.97 4.06
N ALA B 136 -2.60 0.58 2.87
CA ALA B 136 -1.73 1.40 2.07
C ALA B 136 -2.43 2.68 1.64
N ARG B 137 -3.75 2.67 1.53
CA ARG B 137 -4.46 3.90 1.15
C ARG B 137 -5.15 4.65 2.31
N GLY B 138 -4.79 4.35 3.56
CA GLY B 138 -5.18 5.17 4.69
C GLY B 138 -6.46 4.79 5.39
N ASP B 139 -7.05 3.64 5.08
CA ASP B 139 -8.21 3.17 5.90
C ASP B 139 -7.79 2.45 7.20
N LEU B 140 -7.18 3.19 8.10
CA LEU B 140 -6.68 2.65 9.37
C LEU B 140 -7.79 2.41 10.39
N ASN B 141 -9.02 2.89 10.12
CA ASN B 141 -10.10 2.73 11.12
C ASN B 141 -10.52 1.27 11.24
N ASP B 142 -10.59 0.54 10.13
CA ASP B 142 -11.14 -0.79 10.15
C ASP B 142 -10.34 -1.90 9.43
N CYS B 143 -9.21 -1.62 8.77
CA CYS B 143 -8.34 -2.69 8.26
C CYS B 143 -7.59 -3.43 9.42
N PHE B 144 -6.94 -4.53 9.08
CA PHE B 144 -6.01 -5.22 10.03
C PHE B 144 -4.64 -4.83 9.65
N ILE B 145 -3.77 -4.79 10.63
CA ILE B 145 -2.38 -4.44 10.45
C ILE B 145 -1.52 -5.65 10.79
N PRO B 146 -0.57 -6.03 9.93
CA PRO B 146 0.28 -7.15 10.32
C PRO B 146 1.00 -6.98 11.67
N CYS B 147 1.22 -8.10 12.35
CA CYS B 147 1.52 -8.06 13.78
C CYS B 147 2.87 -7.32 14.12
N THR B 148 3.89 -7.47 13.28
CA THR B 148 5.18 -6.87 13.55
C THR B 148 5.15 -5.36 13.39
N PRO B 149 4.70 -4.84 12.24
CA PRO B 149 4.63 -3.36 12.17
C PRO B 149 3.64 -2.74 13.18
N LYS B 150 2.53 -3.43 13.44
CA LYS B 150 1.63 -3.01 14.49
C LYS B 150 2.35 -2.81 15.83
N GLY B 151 3.19 -3.78 16.21
CA GLY B 151 3.96 -3.67 17.45
C GLY B 151 5.00 -2.58 17.42
N CYS B 152 5.63 -2.37 16.26
CA CYS B 152 6.54 -1.24 16.06
C CYS B 152 5.87 0.09 16.32
N LEU B 153 4.65 0.26 15.80
CA LEU B 153 3.93 1.53 15.96
C LEU B 153 3.61 1.76 17.42
N GLU B 154 3.16 0.72 18.06
CA GLU B 154 2.89 0.75 19.51
C GLU B 154 4.12 1.14 20.34
N LEU B 155 5.30 0.59 20.02
CA LEU B 155 6.52 0.98 20.68
C LEU B 155 6.87 2.46 20.43
N ILE B 156 6.72 2.91 19.18
CA ILE B 156 6.94 4.32 18.90
C ILE B 156 6.01 5.18 19.77
N LYS B 157 4.73 4.80 19.86
CA LYS B 157 3.77 5.60 20.66
C LYS B 157 4.08 5.58 22.13
N GLU B 158 4.63 4.47 22.66
CA GLU B 158 5.09 4.44 24.04
C GLU B 158 6.09 5.53 24.43
N THR B 159 6.75 6.13 23.45
CA THR B 159 7.69 7.18 23.78
C THR B 159 6.94 8.48 24.14
N GLY B 160 5.65 8.62 23.78
CA GLY B 160 4.97 9.91 23.87
C GLY B 160 5.47 11.03 22.92
N VAL B 161 6.37 10.73 21.98
CA VAL B 161 6.75 11.71 20.97
C VAL B 161 5.76 11.65 19.81
N PRO B 162 5.13 12.80 19.47
CA PRO B 162 4.16 12.76 18.37
C PRO B 162 4.91 12.43 17.07
N ILE B 163 4.25 11.57 16.28
CA ILE B 163 4.76 11.14 14.98
C ILE B 163 4.60 12.21 13.91
N ALA B 164 3.48 12.92 13.92
CA ALA B 164 3.10 13.90 12.85
C ALA B 164 4.21 14.89 12.56
N GLY B 165 4.62 15.02 11.30
CA GLY B 165 5.67 15.93 10.93
C GLY B 165 7.10 15.47 11.12
N ARG B 166 7.32 14.34 11.79
CA ARG B 166 8.65 13.75 11.90
C ARG B 166 9.05 13.13 10.53
N HIS B 167 10.35 13.10 10.26
CA HIS B 167 10.87 12.36 9.16
C HIS B 167 11.13 10.93 9.61
N ALA B 168 10.37 9.95 9.12
CA ALA B 168 10.60 8.57 9.45
C ALA B 168 11.33 7.86 8.30
N VAL B 169 12.26 6.98 8.66
CA VAL B 169 12.91 6.15 7.68
C VAL B 169 12.62 4.67 7.93
N VAL B 170 12.15 3.98 6.90
CA VAL B 170 11.99 2.53 6.94
C VAL B 170 13.03 1.88 6.08
N VAL B 171 13.84 1.02 6.69
CA VAL B 171 14.83 0.24 5.96
C VAL B 171 14.28 -1.17 5.79
N GLY B 172 13.91 -1.48 4.54
CA GLY B 172 13.15 -2.66 4.24
C GLY B 172 11.77 -2.33 3.70
N ARG B 173 11.28 -3.15 2.77
CA ARG B 173 9.99 -2.97 2.10
C ARG B 173 9.18 -4.29 1.92
N SER B 174 9.39 -5.26 2.81
CA SER B 174 8.73 -6.55 2.69
C SER B 174 7.25 -6.44 2.99
N LYS B 175 6.50 -7.45 2.50
CA LYS B 175 5.06 -7.54 2.74
C LYS B 175 4.71 -7.64 4.22
N ILE B 176 5.54 -8.34 4.95
CA ILE B 176 5.28 -8.70 6.35
C ILE B 176 5.66 -7.55 7.27
N VAL B 177 6.70 -6.76 6.94
CA VAL B 177 7.16 -5.71 7.82
C VAL B 177 7.31 -4.34 7.18
N GLY B 178 8.29 -4.16 6.31
CA GLY B 178 8.64 -2.82 5.77
C GLY B 178 7.56 -2.05 5.08
N ALA B 179 6.82 -2.70 4.18
CA ALA B 179 5.76 -2.03 3.43
C ALA B 179 4.63 -1.58 4.35
N PRO B 180 4.04 -2.48 5.16
CA PRO B 180 3.02 -2.00 6.10
C PRO B 180 3.55 -1.00 7.10
N MET B 181 4.83 -1.11 7.44
CA MET B 181 5.43 -0.14 8.36
C MET B 181 5.39 1.26 7.79
N HIS B 182 5.77 1.37 6.52
CA HIS B 182 5.65 2.61 5.77
C HIS B 182 4.23 3.15 5.88
N ASP B 183 3.25 2.31 5.64
CA ASP B 183 1.86 2.76 5.62
C ASP B 183 1.40 3.32 7.00
N LEU B 184 1.80 2.66 8.07
CA LEU B 184 1.44 3.12 9.38
C LEU B 184 2.06 4.46 9.68
N LEU B 185 3.33 4.64 9.31
CA LEU B 185 3.98 5.90 9.59
C LEU B 185 3.37 7.05 8.77
N LEU B 186 3.07 6.78 7.49
CA LEU B 186 2.53 7.78 6.62
C LEU B 186 1.18 8.28 7.10
N TRP B 187 0.28 7.35 7.48
CA TRP B 187 -1.07 7.72 7.90
C TRP B 187 -1.11 8.19 9.34
N ASN B 188 0.01 8.14 10.03
CA ASN B 188 0.18 8.90 11.28
C ASN B 188 0.93 10.21 11.01
N ASN B 189 0.97 10.61 9.74
CA ASN B 189 1.44 11.92 9.33
C ASN B 189 2.92 12.20 9.46
N ALA B 190 3.74 11.15 9.52
CA ALA B 190 5.15 11.31 9.28
C ALA B 190 5.39 11.49 7.78
N THR B 191 6.52 12.11 7.49
CA THR B 191 7.07 12.18 6.17
C THR B 191 7.99 10.97 6.11
N VAL B 192 7.77 10.07 5.15
CA VAL B 192 8.39 8.74 5.18
C VAL B 192 9.31 8.50 3.99
N THR B 193 10.53 8.04 4.26
CA THR B 193 11.45 7.55 3.24
C THR B 193 11.58 6.05 3.35
N THR B 194 11.40 5.36 2.24
CA THR B 194 11.59 3.89 2.21
C THR B 194 12.88 3.57 1.46
N CYS B 195 13.74 2.80 2.11
CA CYS B 195 15.02 2.35 1.61
C CYS B 195 14.96 0.81 1.50
N HIS B 196 15.89 0.26 0.73
CA HIS B 196 15.93 -1.14 0.41
C HIS B 196 17.36 -1.48 -0.08
N SER B 197 17.55 -2.68 -0.61
CA SER B 197 18.88 -3.14 -1.09
C SER B 197 19.49 -2.38 -2.24
N LYS B 198 18.70 -1.60 -2.96
CA LYS B 198 19.21 -0.73 -4.04
C LYS B 198 19.34 0.72 -3.64
N THR B 199 19.18 1.05 -2.37
CA THR B 199 19.33 2.43 -1.94
C THR B 199 20.82 2.71 -1.90
N ALA B 200 21.21 3.81 -2.57
CA ALA B 200 22.55 4.37 -2.55
C ALA B 200 22.72 5.17 -1.28
N HIS B 201 23.94 5.19 -0.75
CA HIS B 201 24.24 6.01 0.43
C HIS B 201 23.19 5.80 1.54
N LEU B 202 22.93 4.51 1.83
CA LEU B 202 22.03 4.12 2.91
C LEU B 202 22.31 4.86 4.22
N ASP B 203 23.57 4.97 4.59
CA ASP B 203 23.98 5.68 5.81
C ASP B 203 23.47 7.10 5.87
N GLU B 204 23.56 7.82 4.77
CA GLU B 204 23.12 9.19 4.70
C GLU B 204 21.58 9.29 4.75
N GLU B 205 20.87 8.33 4.16
CA GLU B 205 19.39 8.25 4.25
C GLU B 205 18.99 7.96 5.71
N VAL B 206 19.66 7.00 6.32
CA VAL B 206 19.30 6.61 7.70
C VAL B 206 19.48 7.80 8.64
N ASN B 207 20.52 8.59 8.37
CA ASN B 207 20.84 9.69 9.24
C ASN B 207 19.82 10.83 9.22
N LYS B 208 18.85 10.82 8.30
CA LYS B 208 17.73 11.78 8.27
C LYS B 208 16.53 11.32 9.11
N GLY B 209 16.56 10.10 9.64
CA GLY B 209 15.39 9.57 10.41
C GLY B 209 15.27 10.00 11.84
N ASP B 210 14.25 10.83 12.13
CA ASP B 210 13.81 11.08 13.52
C ASP B 210 13.20 9.84 14.12
N ILE B 211 12.55 9.06 13.24
CA ILE B 211 12.08 7.75 13.58
C ILE B 211 12.72 6.81 12.55
N LEU B 212 13.26 5.71 13.02
CA LEU B 212 13.92 4.75 12.15
C LEU B 212 13.39 3.38 12.48
N VAL B 213 12.84 2.67 11.50
CA VAL B 213 12.51 1.30 11.68
C VAL B 213 13.33 0.47 10.73
N VAL B 214 14.05 -0.54 11.27
CA VAL B 214 14.94 -1.37 10.44
C VAL B 214 14.43 -2.81 10.39
N ALA B 215 14.29 -3.35 9.18
CA ALA B 215 13.72 -4.69 9.00
C ALA B 215 14.30 -5.29 7.73
N THR B 216 15.58 -5.68 7.86
CA THR B 216 16.46 -6.10 6.76
C THR B 216 16.93 -7.52 6.85
N GLY B 217 17.07 -8.06 8.06
CA GLY B 217 17.64 -9.38 8.26
C GLY B 217 19.12 -9.41 7.98
N GLN B 218 19.80 -8.27 8.09
CA GLN B 218 21.25 -8.16 7.86
C GLN B 218 21.88 -7.77 9.18
N PRO B 219 22.52 -8.74 9.87
CA PRO B 219 22.80 -8.57 11.28
C PRO B 219 23.69 -7.35 11.55
N GLU B 220 23.20 -6.45 12.42
CA GLU B 220 23.95 -5.26 12.83
C GLU B 220 24.49 -4.36 11.70
N MET B 221 23.88 -4.38 10.52
CA MET B 221 24.36 -3.58 9.40
C MET B 221 24.23 -2.05 9.64
N VAL B 222 23.16 -1.63 10.31
CA VAL B 222 22.92 -0.23 10.53
C VAL B 222 23.76 0.20 11.75
N LYS B 223 24.79 0.97 11.52
CA LYS B 223 25.80 1.25 12.53
C LYS B 223 25.37 2.43 13.35
N GLY B 224 25.89 2.55 14.56
CA GLY B 224 25.49 3.66 15.46
C GLY B 224 25.78 5.04 14.89
N GLU B 225 26.89 5.14 14.16
CA GLU B 225 27.28 6.35 13.44
C GLU B 225 26.18 6.87 12.48
N TRP B 226 25.37 5.98 11.92
CA TRP B 226 24.36 6.36 10.96
C TRP B 226 23.13 7.01 11.66
N ILE B 227 22.94 6.71 12.94
CA ILE B 227 21.73 7.11 13.64
C ILE B 227 21.67 8.63 13.87
N LYS B 228 20.55 9.26 13.55
CA LYS B 228 20.40 10.67 13.84
C LYS B 228 20.35 10.87 15.38
N PRO B 229 21.10 11.87 15.89
CA PRO B 229 21.01 12.16 17.34
C PRO B 229 19.58 12.47 17.79
N GLY B 230 19.12 11.79 18.85
CA GLY B 230 17.75 11.94 19.37
C GLY B 230 16.72 11.05 18.69
N ALA B 231 17.15 10.15 17.77
CA ALA B 231 16.18 9.35 17.01
C ALA B 231 15.50 8.30 17.86
N ILE B 232 14.28 7.94 17.48
CA ILE B 232 13.62 6.72 17.94
C ILE B 232 14.02 5.58 16.99
N VAL B 233 14.63 4.51 17.50
CA VAL B 233 15.16 3.41 16.70
C VAL B 233 14.42 2.13 17.06
N ILE B 234 13.79 1.55 16.04
CA ILE B 234 12.95 0.38 16.17
C ILE B 234 13.61 -0.66 15.30
N ASP B 235 14.00 -1.77 15.92
CA ASP B 235 14.84 -2.80 15.31
C ASP B 235 14.11 -4.15 15.27
N CYS B 236 13.68 -4.56 14.07
CA CYS B 236 12.88 -5.76 13.88
C CYS B 236 13.71 -7.02 13.70
N GLY B 237 15.01 -6.88 13.53
CA GLY B 237 15.90 -8.02 13.26
C GLY B 237 15.95 -9.07 14.35
N ILE B 238 15.89 -10.33 13.93
CA ILE B 238 16.12 -11.51 14.74
C ILE B 238 17.18 -12.31 13.96
N ASN B 239 18.47 -12.12 14.31
CA ASN B 239 19.58 -12.80 13.66
C ASN B 239 20.38 -13.66 14.70
N TYR B 240 20.62 -14.95 14.39
CA TYR B 240 21.28 -15.90 15.31
C TYR B 240 22.78 -15.94 15.03
N VAL B 241 23.54 -15.77 16.10
CA VAL B 241 24.99 -15.77 16.06
C VAL B 241 25.50 -16.72 17.17
N PRO B 242 26.45 -17.66 16.86
CA PRO B 242 27.01 -18.50 17.93
C PRO B 242 27.83 -17.72 18.96
N ASP B 243 27.63 -18.13 20.21
CA ASP B 243 28.11 -17.47 21.41
C ASP B 243 28.06 -18.51 22.55
N ASP B 244 29.21 -19.15 22.79
CA ASP B 244 29.35 -20.19 23.82
C ASP B 244 29.12 -19.71 25.23
N LYS B 245 29.15 -18.39 25.44
CA LYS B 245 28.90 -17.80 26.72
C LYS B 245 27.40 -17.69 27.06
N LYS B 246 26.49 -18.10 26.16
CA LYS B 246 25.06 -17.97 26.43
C LYS B 246 24.47 -19.32 26.86
N PRO B 247 23.36 -19.28 27.67
CA PRO B 247 22.78 -20.54 28.13
C PRO B 247 22.56 -21.58 27.00
N ASN B 248 22.07 -21.15 25.83
CA ASN B 248 21.89 -22.11 24.74
C ASN B 248 22.91 -22.00 23.63
N GLY B 249 24.05 -21.36 23.88
CA GLY B 249 25.15 -21.28 22.84
C GLY B 249 24.91 -20.40 21.59
N ARG B 250 24.01 -19.44 21.72
CA ARG B 250 23.72 -18.55 20.56
C ARG B 250 23.13 -17.27 21.09
N LYS B 251 23.52 -16.15 20.51
CA LYS B 251 22.88 -14.89 20.85
C LYS B 251 21.94 -14.46 19.71
N VAL B 252 21.01 -13.58 20.05
CA VAL B 252 20.14 -12.95 19.09
C VAL B 252 20.66 -11.53 19.03
N VAL B 253 20.92 -11.06 17.82
CA VAL B 253 21.14 -9.63 17.56
C VAL B 253 20.20 -9.08 16.49
N GLY B 254 20.08 -7.76 16.53
CA GLY B 254 19.22 -7.03 15.64
C GLY B 254 19.87 -6.69 14.30
N ASP B 255 19.12 -5.93 13.52
CA ASP B 255 19.62 -5.34 12.32
C ASP B 255 20.32 -4.03 12.58
N VAL B 256 20.29 -3.58 13.83
CA VAL B 256 20.99 -2.37 14.28
C VAL B 256 22.14 -2.77 15.23
N ALA B 257 23.29 -2.07 15.12
CA ALA B 257 24.42 -2.26 16.08
C ALA B 257 24.05 -1.53 17.36
N TYR B 258 23.43 -2.26 18.26
CA TYR B 258 22.75 -1.69 19.42
C TYR B 258 23.71 -0.89 20.36
N ASP B 259 24.90 -1.39 20.59
CA ASP B 259 25.76 -0.82 21.61
C ASP B 259 26.16 0.62 21.23
N GLU B 260 26.40 0.86 19.94
CA GLU B 260 26.71 2.19 19.48
C GLU B 260 25.43 3.00 19.26
N ALA B 261 24.37 2.35 18.75
CA ALA B 261 23.12 3.10 18.48
C ALA B 261 22.48 3.59 19.78
N LYS B 262 22.60 2.83 20.88
CA LYS B 262 21.98 3.29 22.15
C LYS B 262 22.60 4.59 22.69
N GLU B 263 23.80 4.95 22.24
CA GLU B 263 24.44 6.21 22.65
C GLU B 263 23.93 7.38 21.83
N ARG B 264 23.26 7.14 20.71
CA ARG B 264 22.83 8.22 19.84
C ARG B 264 21.32 8.45 19.87
N ALA B 265 20.53 7.37 19.96
CA ALA B 265 19.06 7.45 20.02
C ALA B 265 18.55 8.05 21.32
N SER B 266 17.37 8.64 21.30
CA SER B 266 16.63 8.97 22.52
C SER B 266 15.83 7.75 23.01
N PHE B 267 15.33 6.91 22.08
CA PHE B 267 14.62 5.69 22.45
C PHE B 267 15.07 4.53 21.53
N ILE B 268 15.23 3.34 22.06
CA ILE B 268 15.67 2.22 21.28
C ILE B 268 15.10 0.90 21.75
N THR B 269 14.83 0.03 20.78
CA THR B 269 14.42 -1.32 21.13
C THR B 269 15.64 -2.23 21.22
N PRO B 270 15.78 -2.97 22.35
CA PRO B 270 16.81 -3.99 22.34
C PRO B 270 16.39 -5.19 21.53
N VAL B 271 17.38 -6.02 21.19
CA VAL B 271 17.16 -7.36 20.68
C VAL B 271 18.05 -8.32 21.50
N PRO B 272 17.53 -9.39 22.10
CA PRO B 272 16.10 -9.75 22.18
C PRO B 272 15.33 -8.79 23.09
N GLY B 273 14.00 -8.90 23.13
CA GLY B 273 13.22 -8.13 24.12
C GLY B 273 12.57 -6.82 23.72
N GLY B 274 12.58 -6.52 22.43
CA GLY B 274 11.98 -5.27 21.92
C GLY B 274 10.76 -5.56 21.10
N VAL B 275 10.95 -5.66 19.79
CA VAL B 275 9.84 -5.87 18.86
C VAL B 275 9.25 -7.29 19.01
N GLY B 276 10.10 -8.30 19.15
CA GLY B 276 9.63 -9.70 19.21
C GLY B 276 8.49 -10.05 20.15
N PRO B 277 8.64 -9.67 21.43
CA PRO B 277 7.56 -10.00 22.38
C PRO B 277 6.27 -9.26 22.11
N MET B 278 6.29 -8.17 21.35
CA MET B 278 5.08 -7.46 20.97
C MET B 278 4.15 -8.26 20.05
N THR B 279 4.71 -9.18 19.26
CA THR B 279 4.00 -9.68 18.08
C THR B 279 2.75 -10.48 18.40
N VAL B 280 2.85 -11.36 19.38
CA VAL B 280 1.69 -12.18 19.76
C VAL B 280 0.58 -11.30 20.42
N ALA B 281 0.97 -10.35 21.24
CA ALA B 281 -0.02 -9.42 21.77
C ALA B 281 -0.79 -8.62 20.69
N MET B 282 -0.10 -8.22 19.62
CA MET B 282 -0.74 -7.50 18.50
C MET B 282 -1.75 -8.39 17.74
N LEU B 283 -1.41 -9.66 17.52
CA LEU B 283 -2.35 -10.63 16.97
C LEU B 283 -3.59 -10.68 17.85
N MET B 284 -3.37 -10.77 19.15
CA MET B 284 -4.52 -10.77 20.10
C MET B 284 -5.31 -9.46 20.01
N GLN B 285 -4.60 -8.34 19.95
CA GLN B 285 -5.31 -7.09 19.78
C GLN B 285 -6.14 -7.05 18.48
N SER B 286 -5.57 -7.51 17.37
CA SER B 286 -6.30 -7.58 16.10
C SER B 286 -7.52 -8.49 16.19
N THR B 287 -7.38 -9.59 16.92
CA THR B 287 -8.49 -10.51 17.14
C THR B 287 -9.61 -9.82 17.91
N VAL B 288 -9.28 -9.08 18.97
CA VAL B 288 -10.28 -8.36 19.74
C VAL B 288 -10.96 -7.29 18.89
N GLU B 289 -10.20 -6.59 18.02
CA GLU B 289 -10.76 -5.62 17.07
C GLU B 289 -11.78 -6.31 16.14
N SER B 290 -11.43 -7.50 15.59
CA SER B 290 -12.35 -8.14 14.68
C SER B 290 -13.65 -8.49 15.44
N ALA B 291 -13.51 -9.05 16.64
CA ALA B 291 -14.70 -9.38 17.47
C ALA B 291 -15.57 -8.15 17.77
N LYS B 292 -14.94 -7.03 18.12
CA LYS B 292 -15.68 -5.76 18.34
C LYS B 292 -16.40 -5.23 17.08
N ARG B 293 -15.72 -5.26 15.95
CA ARG B 293 -16.39 -4.85 14.70
C ARG B 293 -17.55 -5.74 14.36
N PHE B 294 -17.44 -7.04 14.62
CA PHE B 294 -18.53 -7.99 14.36
C PHE B 294 -19.74 -7.64 15.25
N LEU B 295 -19.48 -7.26 16.50
CA LEU B 295 -20.48 -6.90 17.46
C LEU B 295 -21.21 -5.60 17.08
N GLU B 296 -20.78 -4.93 16.02
CA GLU B 296 -21.52 -3.85 15.31
C GLU B 296 -21.36 -2.54 16.04
#